data_7TDC
#
_entry.id   7TDC
#
_cell.length_a   65.006
_cell.length_b   65.006
_cell.length_c   101.274
_cell.angle_alpha   90.00
_cell.angle_beta   90.00
_cell.angle_gamma   120.00
#
_symmetry.space_group_name_H-M   'P 32 1 2'
#
loop_
_entity.id
_entity.type
_entity.pdbx_description
1 polymer 'thiM riboswitch RNA (83-MER)'
2 non-polymer '[2-[3-[(4-azanyl-2-methyl-pyrimidin-5-yl)methyl]-4-methyl-1,3-thiazol-5-yl]ethoxy-oxidanyl-phosphoryl]methylphosphonic acid'
3 non-polymer 'MAGNESIUM ION'
4 non-polymer 'CALCIUM ION'
5 water water
#
_entity_poly.entity_id   1
_entity_poly.type   'polyribonucleotide'
_entity_poly.pdbx_seq_one_letter_code
;GCGACUCGGGGUGCCCUUCUGCGUGAAGGCUGAGAAAUACCCGUAUCACCUGAUCUGGAUAAUGCCAGCGUAGGGAAGUC
GC(A23)
;
_entity_poly.pdbx_strand_id   A
#
loop_
_chem_comp.id
_chem_comp.type
_chem_comp.name
_chem_comp.formula
A RNA linking ADENOSINE-5'-MONOPHOSPHATE 'C10 H14 N5 O7 P'
A23 RNA linking 'ADENOSINE-5'-PHOSPHATE-2',3'-CYCLIC PHOSPHATE' 'C10 H13 N5 O9 P2'
C RNA linking CYTIDINE-5'-MONOPHOSPHATE 'C9 H14 N3 O8 P'
CA non-polymer 'CALCIUM ION' 'Ca 2'
G RNA linking GUANOSINE-5'-MONOPHOSPHATE 'C10 H14 N5 O8 P'
GMI non-polymer '[2-[3-[(4-azanyl-2-methyl-pyrimidin-5-yl)methyl]-4-methyl-1,3-thiazol-5-yl]ethoxy-oxidanyl-phosphoryl]methylphosphonic acid' 'C13 H21 N4 O6 P2 S 1'
MG non-polymer 'MAGNESIUM ION' 'Mg 2'
U RNA linking URIDINE-5'-MONOPHOSPHATE 'C9 H13 N2 O9 P'
#
# COMPACT_ATOMS: atom_id res chain seq x y z
PC A23 A 83 21.52 7.91 -6.53
O1C A23 A 83 22.52 7.62 -7.60
O2C A23 A 83 21.90 9.10 -5.48
P A23 A 83 16.80 5.86 -4.09
OP1 A23 A 83 17.58 5.45 -2.90
OP2 A23 A 83 16.92 7.33 -4.33
O5' A23 A 83 17.21 5.02 -5.40
C5' A23 A 83 18.32 4.15 -5.41
C4' A23 A 83 19.48 4.78 -6.22
O4' A23 A 83 19.26 4.78 -7.66
C3' A23 A 83 19.71 6.24 -5.80
O3' A23 A 83 21.10 6.55 -5.72
C2' A23 A 83 19.11 7.11 -6.96
O2' A23 A 83 20.04 8.16 -7.17
C1' A23 A 83 19.03 6.16 -8.13
N9 A23 A 83 17.80 6.15 -8.92
C8 A23 A 83 16.55 5.84 -8.52
N7 A23 A 83 15.66 5.99 -9.53
C5 A23 A 83 16.38 6.38 -10.58
C6 A23 A 83 16.05 6.70 -11.90
N6 A23 A 83 14.78 6.61 -12.24
N1 A23 A 83 17.02 7.10 -12.77
C2 A23 A 83 18.29 7.19 -12.37
N3 A23 A 83 18.66 6.91 -11.11
C4 A23 A 83 17.73 6.50 -10.19
H5' A23 A 83 18.04 3.21 -5.87
H5'' A23 A 83 18.64 3.96 -4.39
H4' A23 A 83 20.34 4.14 -5.98
H3' A23 A 83 19.27 6.42 -4.81
H2' A23 A 83 18.12 7.56 -6.76
H1' A23 A 83 19.82 6.53 -8.81
H8 A23 A 83 16.30 5.50 -7.51
HN61 A23 A 83 14.50 6.81 -13.18
HN62 A23 A 83 14.12 6.30 -11.57
H2 A23 A 83 19.05 7.50 -13.07
N1' GMI B . -19.62 -7.64 3.28
C2' GMI B . -19.91 -6.72 2.36
CM2 GMI B . -19.82 -7.13 0.92
N3' GMI B . -20.29 -5.47 2.64
C4' GMI B . -20.37 -5.08 3.90
N4' GMI B . -20.73 -3.84 4.19
C5' GMI B . -20.05 -6.00 4.93
C6' GMI B . -19.69 -7.25 4.56
C7' GMI B . -20.13 -5.61 6.39
N3 GMI B . -19.47 -6.56 7.28
C2 GMI B . -18.20 -6.55 7.56
S1 GMI B . -17.82 -7.83 8.63
C5 GMI B . -19.50 -8.39 8.69
C4 GMI B . -20.21 -7.57 7.90
CM4 GMI B . -21.68 -7.73 7.67
C6 GMI B . -20.06 -9.56 9.46
C7 GMI B . -19.45 -9.72 10.84
O7 GMI B . -20.05 -8.77 11.74
PA GMI B . -19.38 -8.60 13.13
O1A GMI B . -19.98 -7.47 13.89
O2A GMI B . -19.61 -9.90 13.91
PB GMI B . -16.77 -7.85 14.44
O1B GMI B . -16.03 -8.99 15.15
O2B GMI B . -17.87 -7.32 15.34
O3B GMI B . -15.76 -6.82 14.13
C3A GMI B . -17.54 -8.45 12.85
MG MG C . -38.13 7.97 10.28
CA CA D . -17.47 -11.11 15.12
MG MG E . -19.84 -5.88 15.50
MG MG F . -31.71 -12.79 19.73
MG MG G . -30.49 -4.90 -6.94
#